data_8PYM
#
_entry.id   8PYM
#
_cell.length_a   69.350
_cell.length_b   69.350
_cell.length_c   142.850
_cell.angle_alpha   90.000
_cell.angle_beta   90.000
_cell.angle_gamma   90.000
#
_symmetry.space_group_name_H-M   'P 43 21 2'
#
loop_
_entity.id
_entity.type
_entity.pdbx_description
1 polymer 'Insulin-like growth factor 1 receptor beta chain'
2 non-polymer 5,5-dimethyl-1-(1H-pyrrolo[2,3-b]pyridin-4-ylmethyl)-3-[4-(trifluoromethylsulfanyl)phenyl]imidazolidine-2,4-dione
3 non-polymer 'NICKEL (II) ION'
4 non-polymer 'CADMIUM ION'
5 water water
#
_entity_poly.entity_id   1
_entity_poly.type   'polypeptide(L)'
_entity_poly.pdbx_seq_one_letter_code
;MASVNPEYFSAADVYVPDEWEVAREKITMSRELGQGSFGMVYEGVAKGVVKDEPETRVAIKTVNEAASMRERIEFLNEAS
VMKEFNCHHVVRLLGVVSQGQPTLVIMELMTRGDLKSYLRSLRPEMENNPVLAPPSLSKMIQMAGEIADGMAYLNANKFV
HRDLAARNCMVAEDFTVKIGDFGMTRDIYETDYYRKGGKGLLPVRWMSPESLKDGVFTTYSDVWSFGVVLWEIATLAEQP
YQGLSNEQVLRFVMEGGLLDKPDNCPDMLFELMRMCWQYNPKMRPSFLEIISSIKEEMEPGFREVSFYYSEENKAENLYF
Q
;
_entity_poly.pdbx_strand_id   AAA
#
loop_
_chem_comp.id
_chem_comp.type
_chem_comp.name
_chem_comp.formula
CD non-polymer 'CADMIUM ION' 'Cd 2'
IED non-polymer 5,5-dimethyl-1-(1H-pyrrolo[2,3-b]pyridin-4-ylmethyl)-3-[4-(trifluoromethylsulfanyl)phenyl]imidazolidine-2,4-dione 'C20 H17 F3 N4 O2 S'
NI non-polymer 'NICKEL (II) ION' 'Ni 2'
#
# COMPACT_ATOMS: atom_id res chain seq x y z
N ALA A 12 14.61 17.40 6.06
CA ALA A 12 15.50 18.59 6.18
C ALA A 12 14.64 19.85 6.34
N ASP A 13 15.29 21.02 6.33
CA ASP A 13 14.61 22.33 6.38
C ASP A 13 14.28 22.74 4.93
N VAL A 14 14.85 22.02 3.95
CA VAL A 14 14.93 22.40 2.50
C VAL A 14 14.61 21.18 1.61
N TYR A 15 14.33 21.44 0.32
CA TYR A 15 14.42 20.45 -0.79
C TYR A 15 15.25 21.06 -1.92
N VAL A 16 16.23 20.29 -2.41
CA VAL A 16 17.21 20.69 -3.46
C VAL A 16 16.80 20.01 -4.77
N PRO A 17 16.21 20.76 -5.73
CA PRO A 17 15.77 20.17 -7.00
C PRO A 17 16.91 19.41 -7.70
N ASP A 18 16.60 18.25 -8.29
CA ASP A 18 17.58 17.44 -9.07
C ASP A 18 16.97 17.10 -10.45
N GLU A 19 17.60 16.20 -11.21
CA GLU A 19 17.29 15.95 -12.65
C GLU A 19 15.95 15.20 -12.80
N TRP A 20 15.40 14.68 -11.70
CA TRP A 20 14.04 14.06 -11.59
C TRP A 20 12.96 15.12 -11.83
N GLU A 21 13.31 16.40 -11.62
CA GLU A 21 12.45 17.60 -11.90
C GLU A 21 11.97 17.57 -13.36
N VAL A 22 10.71 17.98 -13.58
CA VAL A 22 10.01 17.94 -14.89
C VAL A 22 9.02 19.10 -14.91
N ALA A 23 8.90 19.80 -16.03
CA ALA A 23 8.25 21.14 -16.07
C ALA A 23 6.73 20.96 -16.10
N ARG A 24 6.03 21.77 -15.30
CA ARG A 24 4.55 21.83 -15.20
C ARG A 24 3.93 21.71 -16.60
N GLU A 25 4.55 22.36 -17.59
CA GLU A 25 4.13 22.41 -19.02
C GLU A 25 3.56 21.04 -19.42
N LYS A 26 4.32 19.98 -19.15
CA LYS A 26 4.23 18.62 -19.77
C LYS A 26 3.27 17.72 -18.99
N ILE A 27 2.71 18.22 -17.88
CA ILE A 27 1.69 17.51 -17.06
C ILE A 27 0.30 18.09 -17.38
N THR A 28 -0.65 17.25 -17.79
CA THR A 28 -2.09 17.62 -17.83
C THR A 28 -2.78 16.67 -16.83
N MET A 29 -3.89 17.12 -16.24
CA MET A 29 -4.72 16.31 -15.30
C MET A 29 -6.10 16.10 -15.95
N SER A 30 -6.59 14.86 -15.93
CA SER A 30 -7.91 14.45 -16.47
C SER A 30 -8.91 14.39 -15.30
N ARG A 31 -9.49 13.22 -15.01
CA ARG A 31 -10.40 12.98 -13.86
C ARG A 31 -9.61 13.08 -12.54
N GLU A 32 -10.26 12.67 -11.46
CA GLU A 32 -9.84 12.83 -10.04
C GLU A 32 -9.66 11.42 -9.46
N LEU A 33 -8.70 11.20 -8.58
CA LEU A 33 -8.37 9.82 -8.14
C LEU A 33 -8.74 9.62 -6.67
N GLY A 34 -8.60 10.65 -5.83
CA GLY A 34 -8.88 10.53 -4.38
C GLY A 34 -8.17 11.61 -3.56
N GLN A 35 -8.66 11.76 -2.31
CA GLN A 35 -8.04 12.62 -1.27
C GLN A 35 -6.78 11.94 -0.72
N GLY A 36 -5.60 12.43 -1.17
CA GLY A 36 -4.27 12.16 -0.59
C GLY A 36 -4.05 12.94 0.70
N SER A 37 -3.04 12.55 1.47
CA SER A 37 -2.72 13.09 2.82
C SER A 37 -2.39 14.58 2.76
N PHE A 38 -1.60 15.01 1.77
CA PHE A 38 -1.17 16.42 1.57
C PHE A 38 -2.04 17.12 0.52
N GLY A 39 -2.87 16.39 -0.22
CA GLY A 39 -3.76 17.03 -1.21
C GLY A 39 -4.57 16.04 -2.02
N MET A 40 -5.32 16.55 -2.99
CA MET A 40 -6.10 15.76 -3.97
C MET A 40 -5.11 14.98 -4.85
N VAL A 41 -5.52 13.82 -5.35
CA VAL A 41 -4.79 13.02 -6.37
C VAL A 41 -5.65 12.89 -7.61
N TYR A 42 -5.03 13.05 -8.77
CA TYR A 42 -5.69 13.05 -10.10
C TYR A 42 -4.96 12.09 -11.04
N GLU A 43 -5.69 11.53 -12.00
CA GLU A 43 -5.18 10.86 -13.21
C GLU A 43 -4.71 11.96 -14.17
N GLY A 44 -3.83 11.64 -15.11
CA GLY A 44 -3.37 12.61 -16.12
C GLY A 44 -2.50 11.97 -17.18
N VAL A 45 -1.73 12.81 -17.89
CA VAL A 45 -0.77 12.41 -18.96
C VAL A 45 0.48 13.26 -18.75
N ALA A 46 1.66 12.71 -19.07
CA ALA A 46 2.97 13.37 -18.87
C ALA A 46 3.89 13.11 -20.08
N LYS A 47 4.60 14.15 -20.55
CA LYS A 47 5.47 14.07 -21.75
C LYS A 47 6.96 14.09 -21.33
N GLY A 48 7.77 13.24 -21.98
CA GLY A 48 9.24 13.23 -21.90
C GLY A 48 9.74 12.73 -20.56
N VAL A 49 9.19 11.60 -20.08
CA VAL A 49 9.39 11.05 -18.70
C VAL A 49 9.71 9.55 -18.78
N VAL A 50 9.21 8.87 -19.82
CA VAL A 50 9.74 7.56 -20.28
C VAL A 50 9.94 7.68 -21.80
N LYS A 51 11.14 8.09 -22.21
CA LYS A 51 11.50 8.26 -23.64
C LYS A 51 11.48 6.87 -24.28
N ASP A 52 11.09 6.83 -25.57
CA ASP A 52 10.49 5.67 -26.30
C ASP A 52 8.95 5.76 -26.22
N GLU A 53 8.39 6.66 -25.39
CA GLU A 53 6.94 6.99 -25.30
C GLU A 53 6.78 8.50 -25.28
N PRO A 54 6.08 9.12 -26.26
CA PRO A 54 5.94 10.57 -26.31
C PRO A 54 5.08 11.10 -25.14
N GLU A 55 3.90 10.49 -24.97
CA GLU A 55 2.95 10.68 -23.84
C GLU A 55 2.94 9.39 -23.03
N THR A 56 2.69 9.52 -21.72
CA THR A 56 2.64 8.43 -20.69
C THR A 56 1.51 8.76 -19.72
N ARG A 57 0.66 7.77 -19.39
CA ARG A 57 -0.48 7.99 -18.45
C ARG A 57 0.02 7.78 -17.02
N VAL A 58 -0.18 8.79 -16.17
CA VAL A 58 0.44 8.94 -14.82
C VAL A 58 -0.65 9.10 -13.75
N ALA A 59 -0.29 8.99 -12.47
CA ALA A 59 -1.08 9.54 -11.35
C ALA A 59 -0.32 10.73 -10.75
N ILE A 60 -0.99 11.86 -10.56
CA ILE A 60 -0.39 13.11 -10.03
C ILE A 60 -0.99 13.37 -8.64
N LYS A 61 -0.19 13.22 -7.59
CA LYS A 61 -0.55 13.67 -6.21
C LYS A 61 -0.05 15.11 -6.03
N THR A 62 -0.80 15.89 -5.25
CA THR A 62 -0.68 17.36 -5.19
C THR A 62 -0.62 17.81 -3.73
N VAL A 63 -0.03 18.99 -3.49
CA VAL A 63 0.12 19.62 -2.16
C VAL A 63 -0.94 20.71 -2.03
N ASN A 64 -1.60 20.77 -0.88
CA ASN A 64 -2.70 21.73 -0.59
C ASN A 64 -2.15 23.15 -0.78
N GLU A 65 -2.91 24.01 -1.45
CA GLU A 65 -2.54 25.42 -1.61
C GLU A 65 -2.33 25.99 -0.20
N ALA A 66 -3.31 25.77 0.69
CA ALA A 66 -3.28 26.16 2.12
C ALA A 66 -2.00 25.66 2.81
N ALA A 67 -1.77 24.33 2.76
CA ALA A 67 -0.73 23.55 3.49
C ALA A 67 0.62 24.26 3.55
N SER A 68 1.28 24.16 4.72
CA SER A 68 2.53 24.88 5.12
C SER A 68 3.67 24.55 4.15
N MET A 69 4.78 25.29 4.24
CA MET A 69 6.05 25.02 3.49
C MET A 69 6.73 23.76 4.09
N ARG A 70 6.89 23.70 5.41
CA ARG A 70 7.53 22.56 6.12
C ARG A 70 6.72 21.28 5.85
N GLU A 71 5.44 21.43 5.48
CA GLU A 71 4.55 20.34 5.01
C GLU A 71 4.94 19.97 3.56
N ARG A 72 5.31 20.96 2.73
CA ARG A 72 5.76 20.74 1.33
C ARG A 72 7.09 19.98 1.34
N ILE A 73 8.06 20.47 2.11
CA ILE A 73 9.34 19.75 2.34
C ILE A 73 9.02 18.29 2.75
N GLU A 74 8.22 18.10 3.81
CA GLU A 74 7.74 16.78 4.34
C GLU A 74 7.18 15.90 3.20
N PHE A 75 6.64 16.49 2.11
CA PHE A 75 5.93 15.76 1.02
C PHE A 75 6.91 15.28 -0.05
N LEU A 76 7.91 16.11 -0.38
CA LEU A 76 8.92 15.82 -1.45
C LEU A 76 9.91 14.78 -0.91
N ASN A 77 10.26 14.87 0.38
CA ASN A 77 11.31 14.05 1.02
C ASN A 77 10.85 12.58 1.08
N GLU A 78 9.52 12.33 1.12
CA GLU A 78 8.91 10.97 1.04
C GLU A 78 8.99 10.42 -0.39
N ALA A 79 8.87 11.30 -1.39
CA ALA A 79 8.93 10.89 -2.81
C ALA A 79 10.39 10.84 -3.27
N SER A 80 11.31 11.53 -2.58
CA SER A 80 12.77 11.36 -2.75
C SER A 80 13.20 9.94 -2.33
N VAL A 81 12.43 9.30 -1.46
CA VAL A 81 12.76 7.92 -1.03
C VAL A 81 12.59 7.02 -2.27
N MET A 82 11.60 7.30 -3.10
CA MET A 82 11.26 6.41 -4.24
C MET A 82 12.31 6.50 -5.35
N LYS A 83 13.20 7.50 -5.34
CA LYS A 83 14.21 7.70 -6.42
C LYS A 83 15.22 6.56 -6.39
N GLU A 84 15.51 6.03 -5.21
CA GLU A 84 16.42 4.88 -5.00
C GLU A 84 15.85 3.59 -5.59
N PHE A 85 14.53 3.46 -5.75
CA PHE A 85 13.85 2.15 -5.99
C PHE A 85 13.93 1.73 -7.46
N ASN A 86 13.89 0.41 -7.71
CA ASN A 86 13.89 -0.15 -9.09
C ASN A 86 13.25 -1.54 -9.14
N CYS A 87 12.06 -1.72 -8.55
CA CYS A 87 11.31 -3.02 -8.50
C CYS A 87 9.98 -2.91 -9.27
N HIS A 88 9.72 -3.80 -10.25
CA HIS A 88 8.50 -3.79 -11.10
C HIS A 88 7.24 -4.01 -10.24
N HIS A 89 7.37 -4.54 -9.01
CA HIS A 89 6.22 -4.75 -8.09
C HIS A 89 6.20 -3.68 -6.99
N VAL A 90 6.80 -2.52 -7.26
CA VAL A 90 6.56 -1.28 -6.46
C VAL A 90 6.25 -0.13 -7.41
N VAL A 91 5.15 0.56 -7.18
CA VAL A 91 4.68 1.66 -8.05
C VAL A 91 5.86 2.62 -8.32
N ARG A 92 6.18 2.83 -9.59
CA ARG A 92 7.39 3.57 -10.04
C ARG A 92 7.16 5.08 -9.93
N LEU A 93 8.12 5.78 -9.33
CA LEU A 93 8.22 7.27 -9.40
C LEU A 93 8.73 7.70 -10.77
N LEU A 94 8.06 8.65 -11.41
CA LEU A 94 8.47 9.21 -12.74
C LEU A 94 8.99 10.66 -12.67
N GLY A 95 8.75 11.42 -11.60
CA GLY A 95 9.09 12.86 -11.63
C GLY A 95 8.61 13.66 -10.42
N VAL A 96 9.15 14.88 -10.31
CA VAL A 96 8.84 15.89 -9.26
C VAL A 96 8.60 17.24 -9.95
N VAL A 97 7.68 18.07 -9.44
CA VAL A 97 7.40 19.44 -9.97
C VAL A 97 7.39 20.42 -8.79
N SER A 98 8.53 20.62 -8.14
CA SER A 98 8.67 21.42 -6.90
C SER A 98 8.64 22.93 -7.22
N GLN A 99 9.40 23.38 -8.22
CA GLN A 99 9.42 24.79 -8.67
C GLN A 99 8.07 25.12 -9.35
N GLY A 100 7.22 25.87 -8.65
CA GLY A 100 5.85 26.21 -9.09
C GLY A 100 4.89 26.11 -7.94
N GLN A 101 3.66 26.60 -8.12
CA GLN A 101 2.73 26.90 -6.99
C GLN A 101 2.16 25.56 -6.52
N PRO A 102 1.29 24.84 -7.28
CA PRO A 102 0.82 23.52 -6.84
C PRO A 102 1.97 22.50 -6.92
N THR A 103 2.53 22.10 -5.78
CA THR A 103 3.74 21.22 -5.69
C THR A 103 3.35 19.77 -5.98
N LEU A 104 3.88 19.19 -7.07
CA LEU A 104 3.42 17.91 -7.69
C LEU A 104 4.52 16.85 -7.56
N VAL A 105 4.06 15.59 -7.53
CA VAL A 105 4.87 14.34 -7.74
C VAL A 105 4.13 13.46 -8.76
N ILE A 106 4.83 12.98 -9.79
CA ILE A 106 4.26 12.15 -10.89
C ILE A 106 4.66 10.68 -10.65
N MET A 107 3.84 9.74 -11.09
CA MET A 107 3.95 8.30 -10.72
C MET A 107 3.34 7.44 -11.84
N GLU A 108 3.85 6.23 -12.02
CA GLU A 108 3.25 5.24 -12.96
C GLU A 108 1.73 5.16 -12.66
N LEU A 109 0.86 5.23 -13.67
CA LEU A 109 -0.60 5.04 -13.51
C LEU A 109 -0.94 3.54 -13.50
N MET A 110 -1.56 3.08 -12.41
CA MET A 110 -2.04 1.69 -12.21
C MET A 110 -3.54 1.69 -12.53
N THR A 111 -3.88 1.39 -13.79
CA THR A 111 -5.19 1.59 -14.46
C THR A 111 -6.34 0.97 -13.66
N ARG A 112 -6.23 -0.24 -13.14
CA ARG A 112 -7.35 -0.90 -12.41
C ARG A 112 -7.48 -0.42 -10.96
N GLY A 113 -6.81 0.67 -10.58
CA GLY A 113 -6.82 1.21 -9.20
C GLY A 113 -6.47 0.15 -8.16
N ASP A 114 -6.93 0.33 -6.92
CA ASP A 114 -6.43 -0.40 -5.72
C ASP A 114 -7.11 -1.77 -5.57
N LEU A 115 -6.38 -2.71 -4.97
CA LEU A 115 -6.70 -4.15 -4.94
C LEU A 115 -7.98 -4.41 -4.12
N LYS A 116 -8.29 -3.58 -3.12
CA LYS A 116 -9.55 -3.74 -2.34
C LYS A 116 -10.78 -3.46 -3.23
N SER A 117 -10.80 -2.44 -4.09
CA SER A 117 -11.96 -2.21 -5.01
C SER A 117 -12.04 -3.36 -6.03
N TYR A 118 -10.90 -3.81 -6.56
CA TYR A 118 -10.83 -4.90 -7.55
C TYR A 118 -11.41 -6.19 -6.93
N LEU A 119 -11.08 -6.52 -5.70
CA LEU A 119 -11.60 -7.75 -5.06
C LEU A 119 -13.10 -7.60 -4.78
N ARG A 120 -13.54 -6.40 -4.41
CA ARG A 120 -14.97 -6.15 -4.10
C ARG A 120 -15.74 -6.18 -5.41
N SER A 121 -15.10 -5.80 -6.53
CA SER A 121 -15.72 -5.80 -7.88
C SER A 121 -16.02 -7.23 -8.34
N LEU A 122 -15.48 -8.28 -7.69
CA LEU A 122 -15.67 -9.70 -8.07
C LEU A 122 -16.74 -10.38 -7.21
N ARG A 123 -17.58 -9.66 -6.48
CA ARG A 123 -18.56 -10.32 -5.55
C ARG A 123 -19.74 -10.92 -6.31
N PRO A 124 -20.53 -10.14 -7.09
CA PRO A 124 -21.73 -10.68 -7.75
C PRO A 124 -21.49 -11.97 -8.56
N PRO A 134 -15.50 -18.79 -7.84
CA PRO A 134 -14.36 -18.30 -7.05
C PRO A 134 -13.22 -17.85 -7.98
N PRO A 135 -12.20 -17.08 -7.49
CA PRO A 135 -10.91 -16.99 -8.17
C PRO A 135 -10.11 -18.25 -7.79
N SER A 136 -9.19 -18.68 -8.67
CA SER A 136 -8.42 -19.96 -8.55
C SER A 136 -7.29 -19.79 -7.53
N LEU A 137 -6.99 -20.86 -6.77
CA LEU A 137 -5.78 -20.90 -5.91
C LEU A 137 -4.63 -20.25 -6.68
N SER A 138 -4.25 -20.82 -7.82
CA SER A 138 -3.26 -20.29 -8.79
C SER A 138 -3.28 -18.76 -8.76
N LYS A 139 -4.41 -18.17 -9.17
CA LYS A 139 -4.58 -16.72 -9.45
C LYS A 139 -4.39 -15.93 -8.17
N MET A 140 -4.77 -16.50 -7.02
CA MET A 140 -4.66 -15.86 -5.68
C MET A 140 -3.18 -15.91 -5.26
N ILE A 141 -2.61 -17.12 -5.27
CA ILE A 141 -1.17 -17.42 -5.02
C ILE A 141 -0.27 -16.43 -5.79
N GLN A 142 -0.55 -16.22 -7.08
CA GLN A 142 0.06 -15.18 -7.97
C GLN A 142 0.10 -13.79 -7.32
N MET A 143 -1.06 -13.22 -7.01
CA MET A 143 -1.19 -11.92 -6.32
C MET A 143 -0.32 -11.93 -5.06
N ALA A 144 -0.35 -13.02 -4.29
CA ALA A 144 0.36 -13.12 -3.01
C ALA A 144 1.86 -12.97 -3.26
N GLY A 145 2.36 -13.67 -4.31
CA GLY A 145 3.77 -13.67 -4.76
C GLY A 145 4.20 -12.30 -5.28
N GLU A 146 3.33 -11.62 -6.02
CA GLU A 146 3.64 -10.29 -6.62
C GLU A 146 3.71 -9.25 -5.49
N ILE A 147 2.85 -9.38 -4.49
CA ILE A 147 2.80 -8.44 -3.33
C ILE A 147 4.06 -8.67 -2.51
N ALA A 148 4.43 -9.93 -2.29
CA ALA A 148 5.58 -10.33 -1.47
C ALA A 148 6.90 -9.96 -2.19
N ASP A 149 6.92 -9.91 -3.54
CA ASP A 149 8.10 -9.45 -4.32
C ASP A 149 8.38 -8.00 -3.90
N GLY A 150 7.42 -7.11 -4.13
CA GLY A 150 7.52 -5.69 -3.77
C GLY A 150 8.02 -5.60 -2.36
N MET A 151 7.29 -6.22 -1.43
CA MET A 151 7.50 -6.07 0.05
C MET A 151 8.91 -6.54 0.46
N ALA A 152 9.38 -7.66 -0.09
CA ALA A 152 10.76 -8.17 0.08
C ALA A 152 11.75 -7.07 -0.34
N TYR A 153 11.52 -6.47 -1.52
CA TYR A 153 12.36 -5.36 -2.07
C TYR A 153 12.39 -4.23 -1.03
N LEU A 154 11.23 -3.88 -0.48
CA LEU A 154 11.07 -2.69 0.37
C LEU A 154 11.85 -2.93 1.68
N ASN A 155 11.52 -4.00 2.38
CA ASN A 155 12.17 -4.43 3.65
C ASN A 155 13.68 -4.45 3.42
N ALA A 156 14.17 -4.78 2.23
CA ALA A 156 15.62 -4.85 1.90
C ALA A 156 16.22 -3.46 1.72
N ASN A 157 15.50 -2.50 1.15
CA ASN A 157 15.93 -1.07 1.05
C ASN A 157 15.48 -0.33 2.32
N LYS A 158 15.25 -1.10 3.39
CA LYS A 158 15.10 -0.62 4.80
C LYS A 158 13.85 0.25 4.91
N PHE A 159 12.82 -0.09 4.13
CA PHE A 159 11.48 0.54 4.10
C PHE A 159 10.47 -0.39 4.80
N VAL A 160 9.87 0.12 5.87
CA VAL A 160 8.74 -0.49 6.62
C VAL A 160 7.48 0.25 6.24
N HIS A 161 6.56 -0.38 5.48
CA HIS A 161 5.36 0.28 4.89
C HIS A 161 4.38 0.79 5.97
N ARG A 162 4.21 0.03 7.05
CA ARG A 162 3.34 0.29 8.25
C ARG A 162 1.86 0.59 7.89
N ASP A 163 1.42 0.35 6.66
CA ASP A 163 -0.02 0.38 6.28
C ASP A 163 -0.23 -0.53 5.07
N LEU A 164 0.46 -1.67 5.04
CA LEU A 164 0.21 -2.70 4.00
C LEU A 164 -1.21 -3.20 4.21
N ALA A 165 -2.10 -2.87 3.29
CA ALA A 165 -3.44 -3.50 3.16
C ALA A 165 -3.73 -3.63 1.68
N ALA A 166 -4.80 -4.35 1.32
CA ALA A 166 -5.21 -4.53 -0.08
C ALA A 166 -5.53 -3.16 -0.70
N ARG A 167 -6.02 -2.20 0.08
CA ARG A 167 -6.40 -0.85 -0.44
C ARG A 167 -5.15 -0.04 -0.84
N ASN A 168 -3.96 -0.48 -0.44
CA ASN A 168 -2.70 0.22 -0.76
C ASN A 168 -1.88 -0.60 -1.78
N CYS A 169 -2.34 -1.81 -2.12
CA CYS A 169 -1.81 -2.59 -3.27
C CYS A 169 -2.55 -2.09 -4.52
N MET A 170 -1.83 -1.93 -5.63
CA MET A 170 -2.35 -1.27 -6.85
C MET A 170 -2.25 -2.26 -8.01
N VAL A 171 -3.23 -2.24 -8.90
CA VAL A 171 -3.41 -3.26 -9.98
C VAL A 171 -3.14 -2.60 -11.31
N ALA A 172 -2.61 -3.35 -12.27
CA ALA A 172 -2.15 -2.82 -13.57
C ALA A 172 -3.11 -3.29 -14.68
N GLU A 173 -3.05 -2.67 -15.85
CA GLU A 173 -3.97 -3.08 -16.96
C GLU A 173 -3.89 -4.61 -17.10
N ASP A 174 -2.69 -5.19 -17.03
CA ASP A 174 -2.42 -6.64 -17.24
C ASP A 174 -2.81 -7.47 -16.01
N PHE A 175 -3.30 -6.88 -14.91
CA PHE A 175 -3.77 -7.56 -13.67
C PHE A 175 -2.59 -7.88 -12.73
N THR A 176 -1.43 -7.33 -13.02
CA THR A 176 -0.19 -7.39 -12.18
C THR A 176 -0.38 -6.49 -10.95
N VAL A 177 0.05 -6.97 -9.79
CA VAL A 177 -0.12 -6.27 -8.47
C VAL A 177 1.19 -5.58 -8.03
N LYS A 178 1.11 -4.26 -7.77
CA LYS A 178 2.25 -3.44 -7.28
C LYS A 178 1.88 -2.83 -5.93
N ILE A 179 2.85 -2.82 -5.02
CA ILE A 179 2.74 -2.17 -3.68
C ILE A 179 2.62 -0.67 -3.92
N GLY A 180 1.70 -0.02 -3.19
CA GLY A 180 1.49 1.44 -3.21
C GLY A 180 1.19 1.98 -1.81
N ASP A 181 0.86 3.28 -1.74
CA ASP A 181 0.39 3.99 -0.53
C ASP A 181 -0.51 5.12 -1.01
N PHE A 182 -1.78 5.08 -0.61
CA PHE A 182 -2.77 6.11 -0.98
C PHE A 182 -3.15 6.85 0.30
N GLY A 183 -2.44 6.58 1.39
CA GLY A 183 -2.69 7.26 2.67
C GLY A 183 -4.00 6.85 3.30
N MET A 184 -4.43 7.65 4.26
CA MET A 184 -5.43 7.25 5.29
C MET A 184 -6.70 8.08 5.14
N THR A 185 -6.70 9.12 4.29
CA THR A 185 -7.73 10.20 4.28
C THR A 185 -8.78 9.96 3.18
N ARG A 186 -8.87 8.79 2.56
CA ARG A 186 -9.91 8.56 1.53
C ARG A 186 -11.23 8.22 2.25
N ASP A 187 -12.28 8.97 1.93
CA ASP A 187 -13.64 8.75 2.46
C ASP A 187 -14.01 7.28 2.32
N ILE A 188 -13.55 6.64 1.25
CA ILE A 188 -14.08 5.33 0.79
C ILE A 188 -13.63 4.23 1.76
N TYR A 189 -12.50 4.40 2.45
CA TYR A 189 -11.96 3.39 3.39
C TYR A 189 -11.85 3.96 4.81
N GLU A 190 -12.74 4.90 5.16
CA GLU A 190 -12.93 5.49 6.53
C GLU A 190 -13.16 4.37 7.56
N THR A 191 -14.00 3.36 7.30
CA THR A 191 -14.26 2.29 8.30
C THR A 191 -12.93 1.62 8.66
N ASP A 192 -11.90 1.75 7.83
CA ASP A 192 -10.61 1.00 7.98
C ASP A 192 -9.62 1.75 8.89
N TYR A 193 -10.04 2.83 9.53
CA TYR A 193 -9.15 3.61 10.41
C TYR A 193 -9.87 4.01 11.71
N TYR A 194 -9.10 4.03 12.79
CA TYR A 194 -9.52 4.34 14.17
C TYR A 194 -8.58 5.43 14.69
N ARG A 195 -9.12 6.58 15.08
CA ARG A 195 -8.35 7.65 15.77
C ARG A 195 -8.17 7.24 17.23
N LYS A 196 -7.24 6.32 17.52
CA LYS A 196 -7.04 5.77 18.89
C LYS A 196 -6.54 6.89 19.80
N GLY A 197 -7.01 6.86 21.05
CA GLY A 197 -6.88 7.96 22.01
C GLY A 197 -7.25 9.30 21.41
N GLY A 198 -7.88 9.32 20.23
CA GLY A 198 -8.25 10.53 19.48
C GLY A 198 -7.05 11.24 18.87
N LYS A 199 -5.96 10.51 18.63
CA LYS A 199 -4.70 11.00 18.00
C LYS A 199 -4.84 10.77 16.49
N GLY A 200 -3.79 10.23 15.85
CA GLY A 200 -3.77 9.98 14.39
C GLY A 200 -4.58 8.74 14.02
N LEU A 201 -4.90 8.62 12.74
CA LEU A 201 -5.66 7.45 12.24
C LEU A 201 -4.76 6.22 12.37
N LEU A 202 -5.34 5.09 12.79
CA LEU A 202 -4.62 3.79 12.86
C LEU A 202 -5.44 2.71 12.16
N PRO A 203 -4.76 1.94 11.29
CA PRO A 203 -5.40 0.83 10.58
C PRO A 203 -5.38 -0.39 11.49
N VAL A 204 -6.09 -0.30 12.61
CA VAL A 204 -5.94 -1.26 13.74
C VAL A 204 -6.25 -2.68 13.27
N ARG A 205 -7.18 -2.84 12.31
CA ARG A 205 -7.65 -4.17 11.87
C ARG A 205 -6.52 -4.95 11.16
N TRP A 206 -5.45 -4.25 10.77
CA TRP A 206 -4.32 -4.81 9.98
C TRP A 206 -3.07 -4.87 10.84
N MET A 207 -3.13 -4.42 12.10
CA MET A 207 -1.89 -4.14 12.87
C MET A 207 -1.49 -5.35 13.72
N SER A 208 -0.19 -5.62 13.76
CA SER A 208 0.41 -6.68 14.61
C SER A 208 -0.01 -6.41 16.05
N PRO A 209 0.02 -7.42 16.94
CA PRO A 209 -0.12 -7.17 18.38
C PRO A 209 0.90 -6.12 18.88
N GLU A 210 2.18 -6.25 18.54
CA GLU A 210 3.25 -5.39 19.08
C GLU A 210 3.06 -3.94 18.60
N SER A 211 2.49 -3.77 17.41
CA SER A 211 2.20 -2.45 16.81
C SER A 211 1.03 -1.81 17.55
N LEU A 212 0.08 -2.64 18.02
CA LEU A 212 -1.11 -2.20 18.79
C LEU A 212 -0.67 -1.82 20.22
N LYS A 213 0.13 -2.66 20.86
CA LYS A 213 0.52 -2.45 22.27
C LYS A 213 1.46 -1.25 22.36
N ASP A 214 2.64 -1.37 21.74
CA ASP A 214 3.83 -0.52 22.02
C ASP A 214 4.17 0.43 20.87
N GLY A 215 3.48 0.35 19.72
CA GLY A 215 3.76 1.20 18.55
C GLY A 215 5.01 0.78 17.78
N VAL A 216 5.30 -0.50 17.73
CA VAL A 216 6.54 -1.07 17.13
C VAL A 216 6.24 -1.52 15.70
N PHE A 217 6.71 -0.79 14.70
CA PHE A 217 6.55 -1.11 13.25
C PHE A 217 7.88 -1.65 12.72
N THR A 218 7.84 -2.86 12.16
CA THR A 218 9.03 -3.64 11.70
C THR A 218 8.68 -4.35 10.40
N THR A 219 9.68 -4.90 9.72
CA THR A 219 9.54 -5.92 8.64
C THR A 219 8.49 -6.94 9.10
N TYR A 220 8.67 -7.44 10.34
CA TYR A 220 7.84 -8.48 10.97
C TYR A 220 6.39 -8.03 11.04
N SER A 221 6.15 -6.76 11.36
CA SER A 221 4.79 -6.22 11.54
C SER A 221 4.15 -6.05 10.15
N ASP A 222 4.96 -5.79 9.13
CA ASP A 222 4.54 -5.85 7.72
C ASP A 222 4.13 -7.29 7.36
N VAL A 223 4.85 -8.31 7.85
CA VAL A 223 4.47 -9.73 7.57
C VAL A 223 3.13 -10.04 8.23
N TRP A 224 2.79 -9.42 9.37
CA TRP A 224 1.44 -9.60 9.96
C TRP A 224 0.38 -9.02 9.02
N SER A 225 0.59 -7.80 8.54
CA SER A 225 -0.37 -7.12 7.65
C SER A 225 -0.53 -7.95 6.35
N PHE A 226 0.57 -8.48 5.83
CA PHE A 226 0.54 -9.31 4.60
C PHE A 226 -0.41 -10.50 4.82
N GLY A 227 -0.45 -11.11 6.01
CA GLY A 227 -1.35 -12.22 6.35
C GLY A 227 -2.81 -11.78 6.32
N VAL A 228 -3.07 -10.52 6.68
CA VAL A 228 -4.44 -9.93 6.59
C VAL A 228 -4.75 -9.71 5.11
N VAL A 229 -3.79 -9.29 4.31
CA VAL A 229 -4.03 -9.09 2.85
C VAL A 229 -4.44 -10.45 2.27
N LEU A 230 -3.73 -11.52 2.63
CA LEU A 230 -4.10 -12.90 2.19
C LEU A 230 -5.55 -13.16 2.57
N TRP A 231 -5.90 -12.84 3.81
CA TRP A 231 -7.31 -12.95 4.32
C TRP A 231 -8.25 -12.11 3.43
N GLU A 232 -7.85 -10.89 3.04
CA GLU A 232 -8.69 -10.01 2.18
C GLU A 232 -8.97 -10.70 0.83
N ILE A 233 -7.92 -11.22 0.19
CA ILE A 233 -8.01 -11.90 -1.14
C ILE A 233 -8.97 -13.11 -1.05
N ALA A 234 -8.81 -13.94 -0.02
CA ALA A 234 -9.59 -15.19 0.21
C ALA A 234 -11.07 -14.87 0.41
N THR A 235 -11.38 -13.77 1.11
CA THR A 235 -12.75 -13.31 1.46
C THR A 235 -13.32 -12.32 0.43
N LEU A 236 -12.53 -11.89 -0.54
CA LEU A 236 -12.84 -10.79 -1.49
C LEU A 236 -13.06 -9.47 -0.72
N ALA A 237 -12.14 -9.14 0.18
CA ALA A 237 -12.04 -7.83 0.90
C ALA A 237 -13.26 -7.64 1.80
N GLU A 238 -13.60 -8.66 2.60
CA GLU A 238 -14.53 -8.49 3.75
C GLU A 238 -13.77 -7.65 4.77
N GLN A 239 -14.48 -7.02 5.71
CA GLN A 239 -13.84 -6.27 6.84
C GLN A 239 -13.32 -7.30 7.84
N PRO A 240 -12.01 -7.31 8.10
CA PRO A 240 -11.44 -8.18 9.14
C PRO A 240 -12.11 -7.88 10.49
N TYR A 241 -12.37 -8.91 11.28
CA TYR A 241 -13.00 -8.78 12.64
C TYR A 241 -14.36 -8.07 12.56
N GLN A 242 -15.12 -8.29 11.48
CA GLN A 242 -16.55 -7.87 11.35
C GLN A 242 -17.30 -8.20 12.63
N GLY A 243 -18.06 -7.24 13.16
CA GLY A 243 -18.90 -7.44 14.37
C GLY A 243 -18.12 -7.24 15.65
N LEU A 244 -16.82 -6.91 15.56
CA LEU A 244 -16.06 -6.29 16.68
C LEU A 244 -15.89 -4.81 16.34
N SER A 245 -15.94 -3.96 17.38
CA SER A 245 -15.56 -2.54 17.33
C SER A 245 -14.02 -2.43 17.39
N ASN A 246 -13.48 -1.23 17.15
CA ASN A 246 -12.01 -0.97 17.18
C ASN A 246 -11.47 -1.29 18.59
N GLU A 247 -12.18 -0.94 19.65
CA GLU A 247 -11.66 -1.21 21.02
C GLU A 247 -11.65 -2.72 21.22
N GLN A 248 -12.61 -3.43 20.63
CA GLN A 248 -12.76 -4.88 20.81
C GLN A 248 -11.68 -5.60 19.99
N VAL A 249 -11.38 -5.05 18.80
CA VAL A 249 -10.27 -5.55 17.93
C VAL A 249 -8.96 -5.45 18.73
N LEU A 250 -8.66 -4.27 19.24
CA LEU A 250 -7.49 -4.06 20.12
C LEU A 250 -7.34 -5.24 21.07
N ARG A 251 -8.32 -5.41 21.94
CA ARG A 251 -8.25 -6.43 23.02
C ARG A 251 -8.07 -7.81 22.36
N PHE A 252 -8.87 -8.12 21.34
CA PHE A 252 -8.95 -9.50 20.80
C PHE A 252 -7.55 -9.85 20.30
N VAL A 253 -7.00 -9.04 19.42
CA VAL A 253 -5.67 -9.30 18.80
C VAL A 253 -4.54 -9.21 19.83
N MET A 254 -4.53 -8.20 20.71
CA MET A 254 -3.48 -8.08 21.77
C MET A 254 -3.47 -9.31 22.69
N GLU A 255 -4.50 -10.17 22.66
CA GLU A 255 -4.63 -11.34 23.57
C GLU A 255 -4.37 -12.65 22.81
N GLY A 256 -3.94 -12.57 21.56
CA GLY A 256 -3.57 -13.75 20.74
C GLY A 256 -4.75 -14.26 19.94
N GLY A 257 -5.89 -13.57 19.95
CA GLY A 257 -7.03 -13.83 19.05
C GLY A 257 -6.56 -13.75 17.62
N LEU A 258 -7.09 -14.59 16.74
CA LEU A 258 -6.77 -14.61 15.29
C LEU A 258 -8.03 -14.60 14.46
N LEU A 259 -7.87 -14.46 13.14
CA LEU A 259 -8.98 -14.44 12.16
C LEU A 259 -9.39 -15.88 11.91
N ASP A 260 -10.67 -16.07 11.57
CA ASP A 260 -11.24 -17.38 11.17
C ASP A 260 -10.80 -17.67 9.72
N LYS A 261 -10.42 -18.93 9.44
CA LYS A 261 -10.27 -19.43 8.05
C LYS A 261 -11.48 -18.97 7.27
N PRO A 262 -11.30 -18.18 6.18
CA PRO A 262 -12.41 -17.85 5.27
C PRO A 262 -13.13 -19.11 4.75
N ASP A 263 -14.41 -19.00 4.45
CA ASP A 263 -15.13 -20.11 3.79
C ASP A 263 -14.42 -20.40 2.46
N ASN A 264 -14.26 -21.68 2.11
CA ASN A 264 -13.75 -22.14 0.81
C ASN A 264 -12.27 -21.83 0.63
N CYS A 265 -11.58 -21.47 1.71
CA CYS A 265 -10.14 -21.12 1.69
C CYS A 265 -9.31 -22.38 1.47
N PRO A 266 -8.48 -22.41 0.42
CA PRO A 266 -7.53 -23.51 0.24
C PRO A 266 -6.61 -23.62 1.47
N ASP A 267 -6.26 -24.85 1.85
CA ASP A 267 -5.36 -25.19 2.99
C ASP A 267 -4.04 -24.43 2.87
N MET A 268 -3.41 -24.44 1.70
CA MET A 268 -2.08 -23.85 1.46
C MET A 268 -2.10 -22.36 1.81
N LEU A 269 -3.16 -21.65 1.48
CA LEU A 269 -3.28 -20.19 1.70
C LEU A 269 -3.51 -19.85 3.18
N PHE A 270 -4.29 -20.66 3.91
CA PHE A 270 -4.61 -20.38 5.33
C PHE A 270 -3.37 -20.68 6.19
N GLU A 271 -2.47 -21.53 5.71
CA GLU A 271 -1.22 -21.90 6.43
C GLU A 271 -0.24 -20.73 6.36
N LEU A 272 -0.16 -20.04 5.23
CA LEU A 272 0.58 -18.75 5.16
C LEU A 272 -0.01 -17.78 6.19
N MET A 273 -1.32 -17.56 6.18
CA MET A 273 -1.97 -16.66 7.16
C MET A 273 -1.42 -16.96 8.57
N ARG A 274 -1.51 -18.20 9.03
CA ARG A 274 -1.15 -18.53 10.43
C ARG A 274 0.29 -18.10 10.67
N MET A 275 1.20 -18.61 9.83
CA MET A 275 2.66 -18.35 9.89
C MET A 275 2.85 -16.85 10.14
N CYS A 276 2.18 -16.02 9.34
CA CYS A 276 2.26 -14.54 9.33
C CYS A 276 1.72 -13.95 10.63
N TRP A 277 0.81 -14.64 11.33
CA TRP A 277 0.18 -14.14 12.58
C TRP A 277 0.72 -14.86 13.83
N GLN A 278 1.96 -15.34 13.83
CA GLN A 278 2.64 -15.75 15.08
C GLN A 278 2.67 -14.55 16.03
N TYR A 279 2.28 -14.72 17.28
CA TYR A 279 2.32 -13.62 18.28
C TYR A 279 3.75 -13.09 18.32
N ASN A 280 4.70 -13.98 18.63
CA ASN A 280 6.14 -13.67 18.60
C ASN A 280 6.53 -13.26 17.18
N PRO A 281 6.96 -12.00 16.94
CA PRO A 281 7.34 -11.56 15.60
C PRO A 281 8.51 -12.32 14.97
N LYS A 282 9.38 -12.89 15.80
CA LYS A 282 10.59 -13.67 15.39
C LYS A 282 10.20 -15.11 15.01
N MET A 283 8.98 -15.54 15.33
CA MET A 283 8.40 -16.83 14.85
C MET A 283 7.92 -16.67 13.40
N ARG A 284 7.60 -15.45 12.96
CA ARG A 284 6.97 -15.21 11.63
C ARG A 284 8.02 -15.35 10.55
N PRO A 285 7.64 -15.63 9.29
CA PRO A 285 8.58 -15.70 8.17
C PRO A 285 8.95 -14.32 7.60
N SER A 286 10.14 -14.21 7.02
CA SER A 286 10.51 -13.06 6.14
C SER A 286 9.71 -13.19 4.84
N PHE A 287 9.39 -12.04 4.25
CA PHE A 287 8.87 -11.97 2.86
C PHE A 287 9.71 -12.92 1.97
N LEU A 288 11.04 -12.79 2.01
CA LEU A 288 11.98 -13.68 1.25
C LEU A 288 11.59 -15.15 1.45
N GLU A 289 11.35 -15.59 2.70
CA GLU A 289 10.91 -16.97 3.05
C GLU A 289 9.53 -17.23 2.42
N ILE A 290 8.62 -16.24 2.48
CA ILE A 290 7.25 -16.38 1.91
C ILE A 290 7.36 -16.61 0.41
N ILE A 291 8.21 -15.87 -0.29
CA ILE A 291 8.40 -15.96 -1.77
C ILE A 291 8.90 -17.38 -2.10
N SER A 292 9.96 -17.84 -1.42
CA SER A 292 10.46 -19.24 -1.44
C SER A 292 9.29 -20.23 -1.34
N SER A 293 8.54 -20.13 -0.24
CA SER A 293 7.43 -21.02 0.14
C SER A 293 6.45 -21.18 -1.01
N ILE A 294 5.99 -20.09 -1.64
CA ILE A 294 4.98 -20.17 -2.76
C ILE A 294 5.67 -20.72 -4.02
N LYS A 295 6.94 -20.37 -4.25
CA LYS A 295 7.65 -20.50 -5.56
C LYS A 295 7.86 -21.98 -5.90
N GLU A 296 8.05 -22.83 -4.89
CA GLU A 296 8.08 -24.33 -5.06
C GLU A 296 6.77 -24.79 -5.75
N GLU A 297 5.65 -24.07 -5.55
CA GLU A 297 4.31 -24.39 -6.12
C GLU A 297 3.95 -23.39 -7.23
N MET A 298 4.34 -23.70 -8.47
CA MET A 298 3.99 -22.98 -9.72
C MET A 298 4.59 -23.74 -10.91
C1 IED B . -3.32 5.10 -7.68
C2 IED B . -2.12 5.39 -7.05
C3 IED B . -0.96 5.21 -7.78
C8 IED B . -5.37 4.78 -8.23
C9 IED B . -4.58 5.17 -7.25
C10 IED B . -2.10 5.88 -5.60
C12 IED B . -0.41 7.72 -4.99
C13 IED B . 0.99 7.58 -4.40
C15 IED B . 0.20 5.56 -4.72
C16 IED B . 2.39 5.73 -3.82
C19 IED B . 4.71 4.54 -2.82
C20 IED B . 4.07 3.98 -3.92
C21 IED B . 2.91 4.56 -4.42
O28 IED B . 0.11 4.32 -4.71
C30 IED B . -1.30 8.52 -4.02
F24 IED B . 5.06 1.45 -2.29
C23 IED B . 5.64 2.24 -1.40
F25 IED B . 6.73 1.65 -0.89
F26 IED B . 4.80 2.47 -0.42
S22 IED B . 6.15 3.81 -2.21
C18 IED B . 4.19 5.69 -2.23
C17 IED B . 3.04 6.27 -2.71
N14 IED B . 1.26 6.28 -4.30
O27 IED B . 1.72 8.52 -4.12
C29 IED B . -0.43 8.34 -6.40
N11 IED B . -0.80 6.34 -5.11
C4 IED B . -1.03 4.73 -9.11
N5 IED B . -2.19 4.47 -9.68
C6 IED B . -3.34 4.65 -8.99
N7 IED B . -4.62 4.46 -9.29
NI NI C . 6.64 -10.10 -11.53
CD CD D . 11.30 -6.85 -7.17
#